data_7X5Z
#
_entry.id   7X5Z
#
_cell.length_a   77.041
_cell.length_b   84.021
_cell.length_c   62.346
_cell.angle_alpha   90.00
_cell.angle_beta   100.20
_cell.angle_gamma   90.00
#
_symmetry.space_group_name_H-M   'C 1 2 1'
#
loop_
_entity.id
_entity.type
_entity.pdbx_description
1 polymer '4-hydroxyphenylpyruvate dioxygenase'
2 non-polymer 'COBALT (II) ION'
3 non-polymer 1-methyl-6-(2-oxidanyl-6-oxidanylidene-cyclohexen-1-yl)carbonyl-3-phenyl-quinazoline-2,4-dione
4 water water
#
_entity_poly.entity_id   1
_entity_poly.type   'polypeptide(L)'
_entity_poly.pdbx_seq_one_letter_code
;GSHMVRKNPKSDKFKVKRFHHIEFWCGDATNVARRFSWGLGMRFSAKSDLSTGNMVHASYLLTSGDLRFLFTAPYSPSLS
AGEIKPTTTASIPSFDHGSCRSFFSSHGLGVRAVAIEVEDAESAFSISVANGAIPSSPPIVLNEAVTIAEVKLYGDVVLR
YVSYKAEDTEKSEFLPGFERVEDASSFPLDYGIRRLDHAVGNVPELGPALTYVAGFTGFHQFAEFTADDVGTAESGLNSA
VLASNDEMVLLPINEPVHGTKRKSQIQTYLEHNEGAGLQHLALMSEDIFRTLREMRKRSSIGGFDFMPSPPPTYYQNLKK
RVGDVLSDDQIKECEELGILVDRDDQGTLLQIFTKPLGDRPTIFIEIIQRVGCMMKDEEGKAYQSGGCGGFGKGNFSELF
KSIEEYEKTLEAKQLVG
;
_entity_poly.pdbx_strand_id   A
#
loop_
_chem_comp.id
_chem_comp.type
_chem_comp.name
_chem_comp.formula
9WC non-polymer 1-methyl-6-(2-oxidanyl-6-oxidanylidene-cyclohexen-1-yl)carbonyl-3-phenyl-quinazoline-2,4-dione 'C22 H18 N2 O5'
CO non-polymer 'COBALT (II) ION' 'Co 2'
#
# COMPACT_ATOMS: atom_id res chain seq x y z
N LYS A 7 -16.80 -17.46 -4.78
CA LYS A 7 -16.41 -18.53 -3.88
C LYS A 7 -15.35 -18.06 -2.89
N ASN A 8 -15.63 -18.23 -1.60
CA ASN A 8 -14.71 -17.87 -0.53
C ASN A 8 -14.62 -19.03 0.44
N PRO A 9 -13.60 -19.89 0.32
CA PRO A 9 -13.49 -21.06 1.23
C PRO A 9 -13.09 -20.72 2.65
N LYS A 10 -12.68 -19.48 2.93
CA LYS A 10 -12.28 -19.04 4.26
C LYS A 10 -11.22 -19.96 4.85
N SER A 11 -10.09 -20.03 4.14
CA SER A 11 -9.04 -21.00 4.43
C SER A 11 -7.82 -20.41 5.15
N ASP A 12 -7.93 -19.18 5.68
CA ASP A 12 -6.82 -18.59 6.42
C ASP A 12 -6.27 -19.58 7.45
N LYS A 13 -4.95 -19.72 7.49
CA LYS A 13 -4.36 -20.68 8.42
C LYS A 13 -4.13 -20.09 9.80
N PHE A 14 -4.40 -18.79 9.97
CA PHE A 14 -4.37 -18.13 11.27
C PHE A 14 -5.31 -16.93 11.18
N LYS A 15 -5.71 -16.41 12.34
CA LYS A 15 -6.71 -15.35 12.38
C LYS A 15 -6.07 -14.02 12.02
N VAL A 16 -6.55 -13.42 10.94
CA VAL A 16 -6.05 -12.14 10.43
C VAL A 16 -7.11 -11.09 10.70
N LYS A 17 -6.68 -9.90 11.14
CA LYS A 17 -7.63 -8.84 11.41
C LYS A 17 -7.65 -7.83 10.26
N ARG A 18 -6.82 -6.78 10.34
CA ARG A 18 -6.83 -5.76 9.30
C ARG A 18 -5.40 -5.38 8.96
N PHE A 19 -5.25 -4.69 7.82
CA PHE A 19 -4.00 -3.98 7.56
C PHE A 19 -3.69 -3.10 8.76
N HIS A 20 -2.44 -3.14 9.21
CA HIS A 20 -2.00 -2.37 10.36
C HIS A 20 -1.15 -1.16 9.98
N HIS A 21 -0.08 -1.36 9.22
CA HIS A 21 0.72 -0.23 8.75
C HIS A 21 1.52 -0.65 7.52
N ILE A 22 2.07 0.35 6.85
CA ILE A 22 2.98 0.17 5.72
C ILE A 22 4.27 0.88 6.13
N GLU A 23 5.41 0.22 5.96
CA GLU A 23 6.69 0.84 6.31
C GLU A 23 7.53 1.07 5.06
N PHE A 24 7.91 2.34 4.85
CA PHE A 24 8.83 2.75 3.81
C PHE A 24 10.25 2.77 4.34
N TRP A 25 11.17 2.19 3.59
CA TRP A 25 12.58 2.35 3.91
C TRP A 25 13.14 3.47 3.05
N CYS A 26 13.78 4.42 3.71
CA CYS A 26 14.11 5.73 3.12
C CYS A 26 15.60 5.96 3.30
N GLY A 27 16.12 6.97 2.61
CA GLY A 27 17.44 7.40 2.92
C GLY A 27 17.39 8.42 4.04
N ASP A 28 16.41 9.34 3.96
CA ASP A 28 16.16 10.33 4.99
C ASP A 28 14.68 10.27 5.32
N ALA A 29 14.36 9.75 6.50
CA ALA A 29 12.95 9.57 6.86
C ALA A 29 12.23 10.91 7.07
N THR A 30 12.93 11.90 7.59
CA THR A 30 12.32 13.21 7.86
C THR A 30 11.76 13.85 6.59
N ASN A 31 12.56 13.91 5.51
CA ASN A 31 12.10 14.61 4.32
C ASN A 31 11.00 13.84 3.60
N VAL A 32 11.10 12.52 3.53
CA VAL A 32 10.02 11.76 2.91
C VAL A 32 8.74 11.92 3.73
N ALA A 33 8.83 11.79 5.06
CA ALA A 33 7.62 11.89 5.87
C ALA A 33 6.98 13.27 5.76
N ARG A 34 7.78 14.34 5.79
CA ARG A 34 7.17 15.67 5.68
C ARG A 34 6.51 15.87 4.31
N ARG A 35 7.15 15.40 3.24
CA ARG A 35 6.54 15.47 1.91
C ARG A 35 5.21 14.71 1.87
N PHE A 36 5.21 13.44 2.33
CA PHE A 36 4.00 12.63 2.31
C PHE A 36 2.89 13.24 3.17
N SER A 37 3.27 13.81 4.33
CA SER A 37 2.28 14.40 5.22
C SER A 37 1.52 15.51 4.52
N TRP A 38 2.25 16.43 3.88
CA TRP A 38 1.64 17.53 3.17
C TRP A 38 0.89 17.04 1.93
N GLY A 39 1.46 16.09 1.20
CA GLY A 39 0.86 15.69 -0.06
C GLY A 39 -0.42 14.88 0.11
N LEU A 40 -0.53 14.12 1.20
CA LEU A 40 -1.62 13.19 1.40
C LEU A 40 -2.55 13.60 2.54
N GLY A 41 -2.18 14.60 3.32
CA GLY A 41 -3.02 15.04 4.43
C GLY A 41 -3.00 14.07 5.57
N MET A 42 -1.79 13.66 5.97
CA MET A 42 -1.62 12.74 7.08
C MET A 42 -0.93 13.49 8.20
N ARG A 43 -1.30 13.15 9.43
CA ARG A 43 -0.80 13.82 10.62
C ARG A 43 0.41 13.05 11.16
N PHE A 44 1.40 13.79 11.67
CA PHE A 44 2.49 13.16 12.41
C PHE A 44 1.96 12.71 13.78
N SER A 45 2.04 11.41 14.07
CA SER A 45 1.44 10.91 15.29
C SER A 45 2.40 10.19 16.23
N ALA A 46 3.51 9.63 15.74
CA ALA A 46 4.43 8.97 16.65
C ALA A 46 5.83 9.02 16.06
N LYS A 47 6.83 8.92 16.95
CA LYS A 47 8.22 8.92 16.51
C LYS A 47 9.04 7.96 17.36
N SER A 48 10.11 7.46 16.75
CA SER A 48 11.16 6.72 17.44
C SER A 48 12.46 7.13 16.77
N ASP A 49 13.32 7.85 17.50
CA ASP A 49 14.51 8.44 16.90
C ASP A 49 15.46 8.81 18.04
N LEU A 50 16.50 9.59 17.71
CA LEU A 50 17.48 9.96 18.74
C LEU A 50 16.81 10.58 19.96
N SER A 51 15.78 11.40 19.74
CA SER A 51 15.12 12.07 20.86
C SER A 51 14.36 11.10 21.75
N THR A 52 14.10 9.87 21.30
CA THR A 52 13.44 8.88 22.14
C THR A 52 14.41 7.78 22.59
N GLY A 53 15.71 7.95 22.34
CA GLY A 53 16.71 7.01 22.76
C GLY A 53 17.08 5.98 21.72
N ASN A 54 16.51 6.04 20.52
CA ASN A 54 16.80 5.09 19.46
C ASN A 54 18.07 5.56 18.74
N MET A 55 19.18 4.86 18.98
CA MET A 55 20.46 5.17 18.38
C MET A 55 20.68 4.45 17.06
N VAL A 56 19.67 3.71 16.57
CA VAL A 56 19.83 2.82 15.44
C VAL A 56 19.12 3.37 14.20
N HIS A 57 17.85 3.72 14.33
CA HIS A 57 17.08 4.18 13.19
C HIS A 57 16.15 5.31 13.61
N ALA A 58 15.84 6.17 12.64
CA ALA A 58 14.82 7.21 12.78
C ALA A 58 13.54 6.70 12.12
N SER A 59 12.43 6.69 12.87
CA SER A 59 11.17 6.19 12.34
C SER A 59 10.05 7.17 12.69
N TYR A 60 9.30 7.61 11.68
CA TYR A 60 8.23 8.59 11.86
C TYR A 60 6.93 8.03 11.31
N LEU A 61 5.87 8.11 12.10
CA LEU A 61 4.60 7.52 11.75
C LEU A 61 3.62 8.64 11.37
N LEU A 62 3.02 8.50 10.19
CA LEU A 62 1.92 9.37 9.77
C LEU A 62 0.62 8.58 9.83
N THR A 63 -0.47 9.27 10.17
CA THR A 63 -1.76 8.60 10.24
C THR A 63 -2.82 9.46 9.56
N SER A 64 -3.76 8.80 8.89
CA SER A 64 -4.98 9.45 8.43
C SER A 64 -6.09 8.43 8.62
N GLY A 65 -7.01 8.71 9.54
CA GLY A 65 -7.99 7.70 9.92
C GLY A 65 -7.30 6.47 10.47
N ASP A 66 -7.53 5.32 9.84
CA ASP A 66 -6.88 4.07 10.21
C ASP A 66 -5.65 3.77 9.38
N LEU A 67 -5.31 4.63 8.42
CA LEU A 67 -4.12 4.44 7.60
C LEU A 67 -2.87 4.83 8.39
N ARG A 68 -1.88 3.95 8.39
CA ARG A 68 -0.63 4.20 9.11
C ARG A 68 0.54 4.04 8.15
N PHE A 69 1.26 5.13 7.88
CA PHE A 69 2.48 5.11 7.07
C PHE A 69 3.67 5.36 7.99
N LEU A 70 4.61 4.41 8.01
CA LEU A 70 5.84 4.52 8.78
C LEU A 70 7.02 4.76 7.83
N PHE A 71 7.89 5.72 8.18
CA PHE A 71 9.05 6.10 7.39
C PHE A 71 10.29 5.89 8.23
N THR A 72 11.20 5.04 7.77
CA THR A 72 12.36 4.66 8.55
C THR A 72 13.64 4.81 7.75
N ALA A 73 14.68 5.30 8.40
CA ALA A 73 16.01 5.39 7.80
C ALA A 73 17.06 5.08 8.84
N PRO A 74 18.20 4.54 8.43
CA PRO A 74 19.26 4.21 9.39
C PRO A 74 20.13 5.40 9.76
N TYR A 75 20.53 5.46 11.03
CA TYR A 75 21.58 6.38 11.42
C TYR A 75 22.95 5.78 11.07
N SER A 76 24.02 6.51 11.36
CA SER A 76 25.35 5.92 11.26
C SER A 76 25.43 4.69 12.17
N PRO A 77 25.91 3.55 11.67
CA PRO A 77 26.09 2.39 12.57
C PRO A 77 27.00 2.69 13.75
N SER A 78 27.85 3.72 13.65
CA SER A 78 28.78 4.03 14.73
C SER A 78 28.06 4.44 16.01
N LEU A 79 26.85 5.01 15.91
CA LEU A 79 26.14 5.43 17.11
C LEU A 79 25.77 4.25 18.00
N SER A 80 25.63 3.07 17.41
CA SER A 80 25.14 1.88 18.10
C SER A 80 26.15 0.73 18.03
N ALA A 81 27.41 1.06 17.75
CA ALA A 81 28.43 0.03 17.57
C ALA A 81 28.62 -0.81 18.83
N GLY A 82 28.37 -0.23 20.00
CA GLY A 82 28.52 -1.00 21.22
C GLY A 82 27.37 -1.95 21.50
N GLU A 83 26.25 -1.77 20.83
CA GLU A 83 25.06 -2.54 21.12
C GLU A 83 25.14 -3.95 20.53
N ILE A 84 24.38 -4.85 21.14
CA ILE A 84 24.08 -6.15 20.57
C ILE A 84 22.56 -6.28 20.59
N LYS A 85 22.05 -7.27 19.86
CA LYS A 85 20.59 -7.42 19.80
C LYS A 85 19.96 -7.44 21.18
N PRO A 86 20.49 -8.17 22.17
CA PRO A 86 19.92 -8.07 23.53
C PRO A 86 19.89 -6.66 24.13
N THR A 87 20.83 -5.79 23.74
CA THR A 87 20.92 -4.45 24.30
C THR A 87 20.54 -3.37 23.28
N THR A 88 19.82 -3.74 22.22
CA THR A 88 19.53 -2.79 21.16
C THR A 88 18.66 -1.64 21.66
N THR A 89 18.88 -0.46 21.08
CA THR A 89 17.97 0.66 21.29
C THR A 89 16.99 0.84 20.12
N ALA A 90 17.07 -0.02 19.11
CA ALA A 90 16.10 0.02 18.03
C ALA A 90 14.72 -0.35 18.57
N SER A 91 13.72 0.42 18.17
CA SER A 91 12.34 0.11 18.56
C SER A 91 11.72 -0.94 17.66
N ILE A 92 12.24 -1.13 16.45
CA ILE A 92 11.79 -2.21 15.58
C ILE A 92 12.95 -3.19 15.47
N PRO A 93 12.96 -4.26 16.27
CA PRO A 93 14.18 -5.11 16.36
C PRO A 93 14.49 -5.87 15.10
N SER A 94 13.58 -5.95 14.13
CA SER A 94 13.94 -6.54 12.84
C SER A 94 14.83 -5.63 12.00
N PHE A 95 14.97 -4.36 12.37
CA PHE A 95 15.75 -3.45 11.55
C PHE A 95 17.22 -3.87 11.49
N ASP A 96 17.82 -3.73 10.31
CA ASP A 96 19.24 -4.00 10.13
C ASP A 96 19.82 -2.93 9.23
N HIS A 97 20.89 -2.27 9.71
CA HIS A 97 21.55 -1.22 8.92
C HIS A 97 21.89 -1.72 7.53
N GLY A 98 22.61 -2.85 7.45
CA GLY A 98 23.02 -3.37 6.16
C GLY A 98 21.85 -3.72 5.27
N SER A 99 20.81 -4.35 5.84
CA SER A 99 19.60 -4.66 5.08
C SER A 99 18.97 -3.39 4.53
N CYS A 100 18.88 -2.36 5.36
CA CYS A 100 18.19 -1.14 4.97
C CYS A 100 18.97 -0.39 3.90
N ARG A 101 20.29 -0.27 4.08
CA ARG A 101 21.10 0.39 3.05
C ARG A 101 21.09 -0.40 1.76
N SER A 102 21.17 -1.72 1.86
CA SER A 102 21.11 -2.57 0.66
C SER A 102 19.76 -2.43 -0.02
N PHE A 103 18.67 -2.49 0.75
CA PHE A 103 17.34 -2.31 0.17
C PHE A 103 17.26 -0.99 -0.58
N PHE A 104 17.66 0.10 0.08
CA PHE A 104 17.48 1.41 -0.53
C PHE A 104 18.43 1.63 -1.70
N SER A 105 19.68 1.17 -1.58
CA SER A 105 20.57 1.30 -2.71
C SER A 105 20.10 0.45 -3.88
N SER A 106 19.45 -0.68 -3.61
CA SER A 106 19.00 -1.54 -4.69
C SER A 106 17.70 -1.04 -5.32
N HIS A 107 16.73 -0.65 -4.49
CA HIS A 107 15.38 -0.37 -4.96
C HIS A 107 15.01 1.11 -4.96
N GLY A 108 15.78 1.97 -4.28
CA GLY A 108 15.31 3.30 -4.02
C GLY A 108 14.16 3.29 -3.02
N LEU A 109 13.52 4.44 -2.90
CA LEU A 109 12.41 4.62 -1.95
C LEU A 109 11.28 3.64 -2.25
N GLY A 110 10.87 2.90 -1.23
CA GLY A 110 9.81 1.93 -1.44
C GLY A 110 9.39 1.28 -0.15
N VAL A 111 8.40 0.40 -0.27
CA VAL A 111 7.81 -0.28 0.89
C VAL A 111 8.67 -1.48 1.24
N ARG A 112 9.15 -1.51 2.47
CA ARG A 112 9.83 -2.68 3.01
C ARG A 112 8.86 -3.66 3.66
N ALA A 113 7.86 -3.16 4.38
CA ALA A 113 6.96 -4.03 5.14
C ALA A 113 5.50 -3.70 4.87
N VAL A 114 4.73 -4.73 4.55
CA VAL A 114 3.27 -4.70 4.57
C VAL A 114 2.84 -5.38 5.85
N ALA A 115 2.32 -4.61 6.81
CA ALA A 115 2.04 -5.14 8.13
C ALA A 115 0.54 -5.35 8.33
N ILE A 116 0.18 -6.55 8.78
CA ILE A 116 -1.20 -6.88 9.09
C ILE A 116 -1.29 -7.26 10.57
N GLU A 117 -2.40 -6.88 11.19
CA GLU A 117 -2.64 -7.26 12.57
C GLU A 117 -3.27 -8.66 12.60
N VAL A 118 -2.77 -9.49 13.52
CA VAL A 118 -3.24 -10.86 13.70
C VAL A 118 -3.52 -11.08 15.19
N GLU A 119 -4.18 -12.21 15.50
CA GLU A 119 -4.47 -12.52 16.89
C GLU A 119 -3.19 -12.85 17.66
N ASP A 120 -2.27 -13.57 17.01
CA ASP A 120 -1.09 -14.10 17.69
C ASP A 120 0.04 -14.16 16.65
N ALA A 121 0.95 -13.18 16.72
CA ALA A 121 2.02 -13.07 15.72
C ALA A 121 3.00 -14.23 15.82
N GLU A 122 3.22 -14.78 17.02
CA GLU A 122 4.10 -15.94 17.11
C GLU A 122 3.49 -17.15 16.43
N SER A 123 2.20 -17.40 16.65
CA SER A 123 1.52 -18.49 15.96
C SER A 123 1.48 -18.25 14.45
N ALA A 124 1.13 -17.02 14.03
CA ALA A 124 1.10 -16.73 12.60
C ALA A 124 2.46 -16.99 11.96
N PHE A 125 3.54 -16.61 12.63
CA PHE A 125 4.88 -16.86 12.11
C PHE A 125 5.16 -18.35 12.02
N SER A 126 4.85 -19.09 13.09
CA SER A 126 5.13 -20.53 13.11
C SER A 126 4.36 -21.27 12.03
N ILE A 127 3.05 -21.02 11.96
CA ILE A 127 2.21 -21.68 10.97
C ILE A 127 2.65 -21.30 9.56
N SER A 128 2.99 -20.02 9.35
CA SER A 128 3.44 -19.60 8.02
C SER A 128 4.67 -20.37 7.59
N VAL A 129 5.70 -20.38 8.45
CA VAL A 129 6.96 -21.03 8.10
C VAL A 129 6.73 -22.53 7.92
N ALA A 130 5.86 -23.11 8.75
CA ALA A 130 5.56 -24.54 8.57
C ALA A 130 4.89 -24.80 7.24
N ASN A 131 4.27 -23.78 6.64
CA ASN A 131 3.59 -23.91 5.37
C ASN A 131 4.34 -23.23 4.22
N GLY A 132 5.67 -23.10 4.34
CA GLY A 132 6.51 -22.70 3.23
C GLY A 132 7.00 -21.27 3.25
N ALA A 133 6.54 -20.43 4.18
CA ALA A 133 7.02 -19.05 4.24
C ALA A 133 8.51 -19.02 4.58
N ILE A 134 9.23 -18.13 3.90
CA ILE A 134 10.66 -17.92 4.16
C ILE A 134 10.76 -16.95 5.33
N PRO A 135 11.33 -17.36 6.45
CA PRO A 135 11.41 -16.47 7.61
C PRO A 135 12.33 -15.29 7.35
N SER A 136 11.91 -14.12 7.86
CA SER A 136 12.71 -12.91 7.76
C SER A 136 13.17 -12.40 9.12
N SER A 137 12.27 -12.36 10.10
CA SER A 137 12.61 -11.95 11.44
C SER A 137 11.71 -12.74 12.39
N PRO A 138 12.27 -13.45 13.35
CA PRO A 138 11.48 -14.31 14.21
C PRO A 138 10.61 -13.48 15.15
N PRO A 139 9.64 -14.10 15.81
CA PRO A 139 8.77 -13.32 16.70
C PRO A 139 9.58 -12.72 17.84
N ILE A 140 9.31 -11.46 18.14
CA ILE A 140 9.93 -10.76 19.25
C ILE A 140 8.85 -10.04 20.03
N VAL A 141 8.82 -10.24 21.34
CA VAL A 141 7.83 -9.62 22.20
C VAL A 141 8.40 -8.30 22.73
N LEU A 142 7.70 -7.20 22.47
CA LEU A 142 8.15 -5.88 22.89
C LEU A 142 7.42 -5.44 24.15
N ASN A 143 8.19 -5.18 25.21
CA ASN A 143 7.66 -4.71 26.49
C ASN A 143 6.46 -5.55 26.95
N GLU A 144 6.55 -6.86 26.71
CA GLU A 144 5.51 -7.83 27.07
C GLU A 144 4.13 -7.40 26.57
N ALA A 145 4.07 -6.59 25.54
CA ALA A 145 2.80 -5.99 25.10
C ALA A 145 2.46 -6.26 23.65
N VAL A 146 3.44 -6.21 22.75
CA VAL A 146 3.21 -6.39 21.32
C VAL A 146 4.20 -7.42 20.81
N THR A 147 3.77 -8.24 19.86
CA THR A 147 4.63 -9.21 19.22
C THR A 147 4.68 -8.92 17.72
N ILE A 148 5.89 -8.87 17.17
CA ILE A 148 6.11 -8.67 15.74
C ILE A 148 6.95 -9.81 15.19
N ALA A 149 6.61 -10.25 13.98
CA ALA A 149 7.38 -11.24 13.25
C ALA A 149 7.25 -10.94 11.77
N GLU A 150 8.20 -11.42 10.97
CA GLU A 150 8.24 -11.09 9.55
C GLU A 150 8.63 -12.30 8.72
N VAL A 151 7.92 -12.49 7.61
CA VAL A 151 8.28 -13.47 6.60
C VAL A 151 8.41 -12.76 5.25
N LYS A 152 9.09 -13.40 4.33
CA LYS A 152 9.27 -12.79 3.01
C LYS A 152 7.97 -12.85 2.23
N LEU A 153 7.65 -11.76 1.55
CA LEU A 153 6.43 -11.70 0.74
C LEU A 153 6.76 -11.82 -0.75
N TYR A 154 7.53 -10.88 -1.29
CA TYR A 154 8.10 -10.96 -2.63
C TYR A 154 9.24 -9.96 -2.70
N GLY A 155 10.24 -10.25 -3.52
CA GLY A 155 11.43 -9.41 -3.57
C GLY A 155 12.00 -9.23 -2.17
N ASP A 156 12.28 -7.99 -1.80
CA ASP A 156 12.76 -7.66 -0.47
C ASP A 156 11.67 -7.06 0.40
N VAL A 157 10.40 -7.30 0.04
CA VAL A 157 9.25 -6.86 0.81
C VAL A 157 8.87 -7.99 1.78
N VAL A 158 8.60 -7.63 3.03
CA VAL A 158 8.20 -8.61 4.03
C VAL A 158 6.73 -8.41 4.39
N LEU A 159 6.09 -9.52 4.74
CA LEU A 159 4.78 -9.50 5.38
C LEU A 159 5.02 -9.51 6.88
N ARG A 160 4.58 -8.47 7.56
CA ARG A 160 4.87 -8.28 8.98
C ARG A 160 3.59 -8.58 9.77
N TYR A 161 3.69 -9.52 10.70
CA TYR A 161 2.59 -9.80 11.62
C TYR A 161 2.79 -9.03 12.91
N VAL A 162 1.73 -8.37 13.37
CA VAL A 162 1.72 -7.67 14.65
C VAL A 162 0.50 -8.14 15.42
N SER A 163 0.70 -8.48 16.70
CA SER A 163 -0.40 -8.87 17.57
C SER A 163 -0.25 -8.14 18.90
N TYR A 164 -1.38 -7.76 19.48
CA TYR A 164 -1.42 -7.03 20.74
C TYR A 164 -2.07 -7.89 21.81
N LYS A 165 -1.54 -7.79 23.04
CA LYS A 165 -2.19 -8.46 24.16
C LYS A 165 -3.52 -7.80 24.49
N ALA A 166 -3.49 -6.49 24.73
CA ALA A 166 -4.72 -5.74 24.99
C ALA A 166 -5.22 -5.07 23.72
N GLU A 173 1.72 4.61 21.46
CA GLU A 173 1.07 3.31 21.60
C GLU A 173 0.98 2.58 20.26
N PHE A 174 1.63 3.14 19.23
CA PHE A 174 1.80 2.40 17.98
C PHE A 174 2.58 1.12 18.23
N LEU A 175 3.84 1.28 18.61
CA LEU A 175 4.70 0.20 19.09
C LEU A 175 5.37 0.72 20.35
N PRO A 176 5.79 -0.19 21.24
CA PRO A 176 6.58 0.24 22.39
C PRO A 176 7.84 0.96 21.93
N GLY A 177 8.29 1.92 22.75
CA GLY A 177 9.43 2.72 22.37
C GLY A 177 9.13 3.87 21.43
N PHE A 178 7.95 3.90 20.82
CA PHE A 178 7.51 5.07 20.07
C PHE A 178 6.85 6.06 21.02
N GLU A 179 7.04 7.34 20.76
CA GLU A 179 6.44 8.40 21.54
C GLU A 179 5.43 9.17 20.69
N ARG A 180 4.31 9.52 21.31
CA ARG A 180 3.30 10.36 20.65
C ARG A 180 3.89 11.72 20.34
N VAL A 181 3.53 12.27 19.18
CA VAL A 181 4.13 13.51 18.71
C VAL A 181 3.40 14.68 19.33
N GLU A 182 4.16 15.61 19.93
CA GLU A 182 3.61 16.81 20.53
C GLU A 182 2.69 17.54 19.55
N ASP A 183 1.55 18.00 20.07
CA ASP A 183 0.51 18.55 19.19
C ASP A 183 0.99 19.79 18.44
N ALA A 184 1.97 20.53 18.97
CA ALA A 184 2.54 21.65 18.23
C ALA A 184 3.18 21.17 16.92
N SER A 185 4.04 20.16 17.00
CA SER A 185 4.61 19.55 15.81
C SER A 185 3.61 18.66 15.07
N SER A 186 2.36 18.56 15.54
CA SER A 186 1.36 17.64 15.00
C SER A 186 0.15 18.44 14.49
N PHE A 187 0.24 18.91 13.25
CA PHE A 187 -0.83 19.67 12.60
C PHE A 187 -1.92 18.73 12.09
N PRO A 188 -3.20 18.99 12.38
CA PRO A 188 -4.26 18.01 12.07
C PRO A 188 -4.71 18.05 10.61
N LEU A 189 -3.77 17.81 9.69
CA LEU A 189 -4.13 17.68 8.29
C LEU A 189 -5.06 16.49 8.09
N ASP A 190 -5.99 16.64 7.15
CA ASP A 190 -6.89 15.55 6.82
C ASP A 190 -7.54 15.86 5.48
N TYR A 191 -7.25 15.07 4.46
CA TYR A 191 -7.90 15.23 3.16
C TYR A 191 -8.94 14.14 2.91
N GLY A 192 -9.27 13.35 3.92
CA GLY A 192 -10.31 12.35 3.78
C GLY A 192 -9.85 10.91 3.66
N ILE A 193 -8.54 10.64 3.58
CA ILE A 193 -8.09 9.25 3.49
C ILE A 193 -8.31 8.56 4.83
N ARG A 194 -8.75 7.29 4.77
CA ARG A 194 -9.20 6.62 5.97
C ARG A 194 -8.57 5.25 6.22
N ARG A 195 -8.20 4.49 5.19
CA ARG A 195 -7.60 3.20 5.45
C ARG A 195 -6.92 2.67 4.19
N LEU A 196 -6.08 1.65 4.37
CA LEU A 196 -5.47 0.96 3.25
C LEU A 196 -6.46 -0.06 2.71
N ASP A 197 -6.81 0.07 1.43
CA ASP A 197 -7.71 -0.91 0.83
C ASP A 197 -6.98 -2.13 0.29
N HIS A 198 -5.88 -1.95 -0.47
CA HIS A 198 -5.09 -3.08 -0.93
C HIS A 198 -3.66 -2.64 -1.21
N ALA A 199 -2.76 -3.64 -1.27
CA ALA A 199 -1.34 -3.43 -1.53
C ALA A 199 -0.90 -4.41 -2.59
N VAL A 200 -0.28 -3.91 -3.65
CA VAL A 200 -0.10 -4.65 -4.90
C VAL A 200 1.37 -4.87 -5.16
N GLY A 201 1.75 -6.12 -5.47
CA GLY A 201 3.12 -6.45 -5.81
C GLY A 201 3.31 -6.71 -7.29
N ASN A 202 4.50 -6.37 -7.81
CA ASN A 202 4.92 -6.74 -9.15
C ASN A 202 5.98 -7.84 -9.06
N VAL A 203 5.79 -8.92 -9.82
CA VAL A 203 6.76 -10.03 -9.81
C VAL A 203 7.06 -10.42 -11.25
N PRO A 204 8.16 -11.14 -11.48
CA PRO A 204 8.42 -11.64 -12.84
C PRO A 204 7.48 -12.76 -13.25
N GLU A 205 7.06 -13.61 -12.32
CA GLU A 205 6.23 -14.77 -12.63
C GLU A 205 5.09 -14.87 -11.61
N LEU A 206 3.86 -14.68 -12.09
CA LEU A 206 2.69 -14.63 -11.20
C LEU A 206 2.42 -15.96 -10.53
N GLY A 207 2.49 -17.06 -11.29
CA GLY A 207 2.13 -18.36 -10.78
C GLY A 207 2.86 -18.75 -9.52
N PRO A 208 4.20 -18.79 -9.57
CA PRO A 208 4.98 -19.13 -8.37
C PRO A 208 4.76 -18.16 -7.22
N ALA A 209 4.58 -16.87 -7.51
CA ALA A 209 4.34 -15.91 -6.43
C ALA A 209 3.03 -16.21 -5.72
N LEU A 210 1.97 -16.49 -6.47
CA LEU A 210 0.69 -16.78 -5.84
C LEU A 210 0.73 -18.07 -5.05
N THR A 211 1.33 -19.11 -5.65
CA THR A 211 1.43 -20.39 -4.96
C THR A 211 2.14 -20.23 -3.63
N TYR A 212 3.23 -19.46 -3.62
CA TYR A 212 3.99 -19.24 -2.40
C TYR A 212 3.15 -18.54 -1.34
N VAL A 213 2.57 -17.37 -1.70
CA VAL A 213 1.88 -16.60 -0.67
C VAL A 213 0.60 -17.28 -0.23
N ALA A 214 -0.21 -17.74 -1.18
CA ALA A 214 -1.41 -18.48 -0.79
C ALA A 214 -1.03 -19.73 -0.01
N GLY A 215 0.15 -20.30 -0.29
CA GLY A 215 0.59 -21.50 0.40
C GLY A 215 0.73 -21.31 1.91
N PHE A 216 1.38 -20.21 2.32
CA PHE A 216 1.66 -20.05 3.75
C PHE A 216 0.60 -19.24 4.50
N THR A 217 -0.26 -18.50 3.81
CA THR A 217 -1.32 -17.75 4.50
C THR A 217 -2.65 -18.47 4.52
N GLY A 218 -2.92 -19.28 3.49
CA GLY A 218 -4.28 -19.74 3.28
C GLY A 218 -5.18 -18.70 2.67
N PHE A 219 -4.65 -17.55 2.26
CA PHE A 219 -5.47 -16.60 1.54
C PHE A 219 -5.99 -17.23 0.26
N HIS A 220 -7.20 -16.84 -0.13
CA HIS A 220 -7.88 -17.39 -1.30
C HIS A 220 -7.90 -16.37 -2.42
N GLN A 221 -8.14 -16.87 -3.63
CA GLN A 221 -8.24 -16.00 -4.79
C GLN A 221 -9.57 -15.26 -4.80
N PHE A 222 -9.48 -13.93 -4.89
CA PHE A 222 -10.62 -13.05 -5.02
C PHE A 222 -10.92 -12.89 -6.52
N ALA A 223 -12.12 -13.28 -6.94
CA ALA A 223 -12.43 -13.35 -8.36
C ALA A 223 -12.65 -11.97 -8.96
N GLU A 224 -12.22 -11.81 -10.22
CA GLU A 224 -12.47 -10.60 -10.98
C GLU A 224 -13.85 -10.67 -11.64
N PHE A 225 -14.09 -9.78 -12.61
CA PHE A 225 -15.36 -9.67 -13.34
C PHE A 225 -16.02 -11.00 -13.68
N GLU A 234 -4.63 -6.94 -23.99
CA GLU A 234 -3.30 -6.36 -24.14
C GLU A 234 -3.12 -5.13 -23.25
N SER A 235 -3.24 -5.34 -21.94
CA SER A 235 -2.98 -4.28 -20.96
C SER A 235 -1.57 -4.38 -20.38
N GLY A 236 -0.79 -5.37 -20.80
CA GLY A 236 0.59 -5.50 -20.37
C GLY A 236 0.80 -6.30 -19.10
N LEU A 237 -0.26 -6.83 -18.48
CA LEU A 237 -0.11 -7.55 -17.23
C LEU A 237 -1.13 -8.67 -17.14
N ASN A 238 -0.78 -9.69 -16.37
CA ASN A 238 -1.72 -10.62 -15.77
C ASN A 238 -1.69 -10.39 -14.27
N SER A 239 -2.85 -10.55 -13.63
CA SER A 239 -2.92 -10.28 -12.20
C SER A 239 -3.87 -11.24 -11.53
N ALA A 240 -3.73 -11.33 -10.20
CA ALA A 240 -4.65 -12.07 -9.36
C ALA A 240 -4.59 -11.45 -7.97
N VAL A 241 -5.65 -11.67 -7.20
CA VAL A 241 -5.84 -11.04 -5.90
C VAL A 241 -5.99 -12.12 -4.84
N LEU A 242 -5.15 -12.07 -3.82
CA LEU A 242 -5.25 -12.95 -2.67
C LEU A 242 -5.96 -12.21 -1.54
N ALA A 243 -6.83 -12.91 -0.80
CA ALA A 243 -7.66 -12.27 0.20
C ALA A 243 -7.78 -13.12 1.45
N SER A 244 -7.92 -12.43 2.59
CA SER A 244 -8.14 -13.06 3.87
C SER A 244 -9.61 -13.51 4.00
N ASN A 245 -9.96 -14.08 5.15
CA ASN A 245 -11.26 -14.74 5.31
C ASN A 245 -12.42 -13.76 5.07
N ASP A 246 -12.34 -12.57 5.65
CA ASP A 246 -13.38 -11.58 5.42
C ASP A 246 -13.05 -10.63 4.27
N GLU A 247 -11.98 -10.91 3.53
CA GLU A 247 -11.64 -10.20 2.30
C GLU A 247 -11.35 -8.72 2.57
N MET A 248 -10.89 -8.41 3.79
CA MET A 248 -10.47 -7.05 4.15
C MET A 248 -8.96 -6.85 3.99
N VAL A 249 -8.18 -7.92 4.04
CA VAL A 249 -6.78 -7.86 3.68
C VAL A 249 -6.68 -8.37 2.25
N LEU A 250 -6.27 -7.49 1.34
CA LEU A 250 -6.30 -7.76 -0.09
C LEU A 250 -4.91 -7.54 -0.66
N LEU A 251 -4.35 -8.58 -1.29
CA LEU A 251 -2.98 -8.55 -1.79
C LEU A 251 -2.95 -8.99 -3.24
N PRO A 252 -3.21 -8.07 -4.17
CA PRO A 252 -3.03 -8.38 -5.59
C PRO A 252 -1.57 -8.51 -5.99
N ILE A 253 -1.34 -9.26 -7.07
CA ILE A 253 -0.01 -9.45 -7.63
C ILE A 253 -0.10 -9.39 -9.15
N ASN A 254 0.84 -8.68 -9.77
CA ASN A 254 0.95 -8.56 -11.22
C ASN A 254 2.22 -9.23 -11.73
N GLU A 255 2.14 -9.74 -12.96
CA GLU A 255 3.29 -10.13 -13.76
C GLU A 255 3.20 -9.43 -15.11
N PRO A 256 4.32 -9.23 -15.79
CA PRO A 256 4.28 -8.58 -17.11
C PRO A 256 3.77 -9.53 -18.18
N VAL A 257 3.24 -8.94 -19.25
CA VAL A 257 3.01 -9.64 -20.50
C VAL A 257 3.94 -9.03 -21.53
N HIS A 258 4.82 -9.86 -22.09
CA HIS A 258 5.88 -9.39 -22.98
C HIS A 258 5.42 -9.42 -24.43
N GLY A 259 6.23 -8.81 -25.28
CA GLY A 259 5.94 -8.79 -26.71
C GLY A 259 4.70 -8.01 -27.07
N THR A 260 4.42 -6.94 -26.34
CA THR A 260 3.23 -6.11 -26.58
C THR A 260 3.62 -4.85 -27.35
N LYS A 261 2.60 -4.19 -27.90
CA LYS A 261 2.82 -2.94 -28.62
C LYS A 261 3.48 -1.90 -27.73
N ARG A 262 2.82 -1.57 -26.61
CA ARG A 262 3.43 -0.72 -25.60
C ARG A 262 4.13 -1.60 -24.56
N LYS A 263 5.33 -1.17 -24.17
CA LYS A 263 6.09 -1.95 -23.19
C LYS A 263 5.33 -2.04 -21.88
N SER A 264 5.33 -3.24 -21.29
CA SER A 264 4.59 -3.47 -20.06
C SER A 264 5.11 -2.58 -18.93
N GLN A 265 4.19 -1.87 -18.28
CA GLN A 265 4.56 -1.09 -17.10
C GLN A 265 5.09 -1.99 -16.00
N ILE A 266 4.68 -3.26 -15.97
CA ILE A 266 5.21 -4.18 -14.97
C ILE A 266 6.68 -4.46 -15.24
N GLN A 267 7.06 -4.62 -16.51
CA GLN A 267 8.45 -4.90 -16.85
C GLN A 267 9.31 -3.68 -16.57
N THR A 268 8.84 -2.48 -16.90
CA THR A 268 9.58 -1.28 -16.56
C THR A 268 9.81 -1.19 -15.06
N TYR A 269 8.77 -1.49 -14.27
CA TYR A 269 8.94 -1.54 -12.82
C TYR A 269 10.06 -2.49 -12.43
N LEU A 270 10.00 -3.73 -12.92
CA LEU A 270 10.99 -4.73 -12.53
C LEU A 270 12.40 -4.27 -12.87
N GLU A 271 12.56 -3.57 -13.99
CA GLU A 271 13.88 -3.11 -14.39
C GLU A 271 14.38 -1.99 -13.49
N HIS A 272 13.55 -0.99 -13.24
CA HIS A 272 14.02 0.16 -12.46
C HIS A 272 14.08 -0.14 -10.96
N ASN A 273 13.31 -1.10 -10.48
CA ASN A 273 13.30 -1.51 -9.08
C ASN A 273 14.36 -2.54 -8.74
N GLU A 274 15.08 -3.05 -9.73
CA GLU A 274 15.94 -4.22 -9.57
C GLU A 274 15.15 -5.40 -8.99
N GLY A 275 14.04 -5.71 -9.63
CA GLY A 275 13.29 -6.93 -9.35
C GLY A 275 11.95 -6.66 -8.70
N ALA A 276 11.40 -7.73 -8.14
CA ALA A 276 10.06 -7.70 -7.58
C ALA A 276 9.97 -6.71 -6.43
N GLY A 277 8.77 -6.20 -6.21
CA GLY A 277 8.52 -5.31 -5.10
C GLY A 277 7.10 -4.81 -5.12
N LEU A 278 6.81 -3.91 -4.18
CA LEU A 278 5.48 -3.35 -4.06
C LEU A 278 5.27 -2.28 -5.14
N GLN A 279 4.22 -2.44 -5.93
CA GLN A 279 3.90 -1.54 -7.03
C GLN A 279 2.98 -0.39 -6.59
N HIS A 280 1.82 -0.69 -6.00
CA HIS A 280 1.01 0.44 -5.57
C HIS A 280 0.28 0.14 -4.27
N LEU A 281 -0.02 1.22 -3.54
CA LEU A 281 -0.86 1.22 -2.36
C LEU A 281 -2.16 1.94 -2.70
N ALA A 282 -3.29 1.28 -2.48
CA ALA A 282 -4.60 1.87 -2.71
C ALA A 282 -5.17 2.33 -1.39
N LEU A 283 -5.44 3.64 -1.29
CA LEU A 283 -5.90 4.26 -0.06
C LEU A 283 -7.37 4.63 -0.22
N MET A 284 -8.21 4.06 0.63
CA MET A 284 -9.63 4.38 0.58
C MET A 284 -9.89 5.77 1.15
N SER A 285 -10.69 6.55 0.44
CA SER A 285 -11.15 7.85 0.92
C SER A 285 -12.63 7.76 1.26
N GLU A 286 -13.03 8.47 2.32
CA GLU A 286 -14.45 8.61 2.61
C GLU A 286 -15.13 9.68 1.77
N ASP A 287 -14.37 10.38 0.91
CA ASP A 287 -14.91 11.35 -0.02
C ASP A 287 -13.84 11.64 -1.06
N ILE A 288 -13.80 10.82 -2.13
CA ILE A 288 -12.69 10.91 -3.07
C ILE A 288 -12.68 12.27 -3.76
N PHE A 289 -13.83 12.95 -3.85
CA PHE A 289 -13.81 14.25 -4.48
C PHE A 289 -13.07 15.26 -3.62
N ARG A 290 -13.30 15.26 -2.30
CA ARG A 290 -12.56 16.15 -1.43
C ARG A 290 -11.08 15.80 -1.43
N THR A 291 -10.76 14.50 -1.36
CA THR A 291 -9.36 14.10 -1.34
C THR A 291 -8.63 14.59 -2.58
N LEU A 292 -9.23 14.40 -3.76
CA LEU A 292 -8.56 14.78 -4.99
C LEU A 292 -8.47 16.30 -5.12
N ARG A 293 -9.53 17.03 -4.73
CA ARG A 293 -9.40 18.48 -4.73
C ARG A 293 -8.22 18.92 -3.87
N GLU A 294 -8.08 18.33 -2.67
CA GLU A 294 -7.03 18.77 -1.76
C GLU A 294 -5.66 18.34 -2.25
N MET A 295 -5.54 17.10 -2.74
CA MET A 295 -4.23 16.66 -3.23
C MET A 295 -3.82 17.43 -4.48
N ARG A 296 -4.78 17.72 -5.38
CA ARG A 296 -4.40 18.39 -6.62
C ARG A 296 -4.00 19.83 -6.38
N LYS A 297 -4.60 20.49 -5.38
CA LYS A 297 -4.17 21.83 -5.00
C LYS A 297 -2.71 21.87 -4.60
N ARG A 298 -2.18 20.75 -4.12
CA ARG A 298 -0.83 20.71 -3.58
C ARG A 298 0.17 20.05 -4.51
N SER A 299 -0.25 19.60 -5.70
CA SER A 299 0.65 18.84 -6.56
C SER A 299 1.95 19.56 -6.85
N SER A 300 1.87 20.86 -7.13
CA SER A 300 3.03 21.63 -7.57
C SER A 300 3.66 22.42 -6.44
N ILE A 301 3.18 22.24 -5.20
CA ILE A 301 3.77 22.89 -4.04
C ILE A 301 4.14 21.86 -2.98
N GLY A 302 4.74 20.76 -3.43
CA GLY A 302 5.34 19.77 -2.55
C GLY A 302 4.59 18.44 -2.49
N GLY A 303 3.40 18.35 -3.05
CA GLY A 303 2.58 17.15 -2.95
C GLY A 303 2.83 16.15 -4.06
N PHE A 304 1.76 15.47 -4.47
CA PHE A 304 1.85 14.39 -5.45
C PHE A 304 1.16 14.80 -6.74
N ASP A 305 1.71 14.32 -7.84
CA ASP A 305 1.17 14.53 -9.18
C ASP A 305 0.28 13.34 -9.55
N PHE A 306 -0.65 13.58 -10.45
CA PHE A 306 -1.56 12.53 -10.90
C PHE A 306 -1.31 12.22 -12.36
N MET A 307 -1.61 10.98 -12.74
CA MET A 307 -1.53 10.58 -14.14
C MET A 307 -2.41 11.51 -14.97
N PRO A 308 -2.12 11.65 -16.27
CA PRO A 308 -2.94 12.54 -17.11
C PRO A 308 -4.37 12.04 -17.19
N SER A 309 -5.31 12.98 -17.20
CA SER A 309 -6.72 12.64 -17.14
C SER A 309 -7.17 11.95 -18.43
N PRO A 310 -8.18 11.09 -18.36
CA PRO A 310 -8.73 10.51 -19.58
C PRO A 310 -9.43 11.58 -20.40
N PRO A 311 -9.57 11.37 -21.71
CA PRO A 311 -10.21 12.39 -22.55
C PRO A 311 -11.68 12.52 -22.22
N PRO A 312 -12.31 13.64 -22.57
CA PRO A 312 -13.73 13.82 -22.26
C PRO A 312 -14.63 12.75 -22.85
N THR A 313 -14.20 12.08 -23.92
CA THR A 313 -14.96 10.93 -24.41
C THR A 313 -15.16 9.89 -23.32
N TYR A 314 -14.18 9.74 -22.43
CA TYR A 314 -14.32 8.81 -21.31
C TYR A 314 -15.49 9.19 -20.42
N TYR A 315 -15.64 10.48 -20.13
CA TYR A 315 -16.71 10.91 -19.24
C TYR A 315 -18.04 11.03 -19.98
N GLN A 316 -18.01 11.29 -21.28
CA GLN A 316 -19.21 11.14 -22.09
C GLN A 316 -19.74 9.71 -21.98
N ASN A 317 -18.85 8.73 -22.13
CA ASN A 317 -19.26 7.33 -22.01
C ASN A 317 -19.54 6.92 -20.57
N LEU A 318 -19.44 7.82 -19.58
CA LEU A 318 -19.69 7.43 -18.19
C LEU A 318 -21.17 7.27 -17.90
N LYS A 319 -22.03 7.95 -18.67
CA LYS A 319 -23.45 7.90 -18.43
C LYS A 319 -24.01 6.49 -18.62
N LYS A 320 -23.72 5.87 -19.76
CA LYS A 320 -24.30 4.56 -20.09
C LYS A 320 -23.82 3.45 -19.16
N ARG A 321 -22.72 3.64 -18.43
CA ARG A 321 -22.18 2.61 -17.55
C ARG A 321 -22.56 2.80 -16.09
N VAL A 322 -22.57 4.04 -15.60
CA VAL A 322 -22.78 4.28 -14.17
C VAL A 322 -23.77 5.41 -13.95
N GLY A 323 -24.52 5.77 -15.00
CA GLY A 323 -25.53 6.81 -14.89
C GLY A 323 -26.62 6.53 -13.88
N ASP A 324 -26.71 5.30 -13.37
CA ASP A 324 -27.63 4.96 -12.31
C ASP A 324 -27.01 5.04 -10.92
N VAL A 325 -25.70 5.26 -10.84
CA VAL A 325 -24.99 5.34 -9.57
C VAL A 325 -24.58 6.76 -9.23
N LEU A 326 -24.15 7.53 -10.24
CA LEU A 326 -23.71 8.90 -10.05
C LEU A 326 -24.57 9.82 -10.89
N SER A 327 -24.96 10.94 -10.30
CA SER A 327 -25.67 11.96 -11.05
C SER A 327 -24.77 12.55 -12.12
N ASP A 328 -25.37 13.33 -13.03
CA ASP A 328 -24.58 14.01 -14.04
C ASP A 328 -23.62 15.00 -13.40
N ASP A 329 -24.02 15.62 -12.30
CA ASP A 329 -23.13 16.53 -11.58
C ASP A 329 -21.96 15.78 -10.98
N GLN A 330 -22.25 14.66 -10.29
CA GLN A 330 -21.18 13.83 -9.74
C GLN A 330 -20.29 13.26 -10.83
N ILE A 331 -20.85 12.98 -12.01
CA ILE A 331 -20.02 12.63 -13.15
C ILE A 331 -19.19 13.84 -13.58
N LYS A 332 -19.79 15.03 -13.55
CA LYS A 332 -19.02 16.24 -13.82
C LYS A 332 -17.90 16.40 -12.82
N GLU A 333 -18.15 16.09 -11.55
CA GLU A 333 -17.08 16.21 -10.57
C GLU A 333 -15.95 15.23 -10.89
N CYS A 334 -16.27 14.07 -11.47
CA CYS A 334 -15.22 13.10 -11.80
C CYS A 334 -14.32 13.61 -12.92
N GLU A 335 -14.92 14.25 -13.95
CA GLU A 335 -14.12 14.68 -15.11
C GLU A 335 -13.18 15.82 -14.74
N GLU A 336 -13.61 16.72 -13.88
CA GLU A 336 -12.72 17.80 -13.54
C GLU A 336 -11.64 17.39 -12.56
N LEU A 337 -11.76 16.22 -11.94
CA LEU A 337 -10.71 15.72 -11.08
C LEU A 337 -9.93 14.57 -11.72
N GLY A 338 -10.33 14.13 -12.91
CA GLY A 338 -9.64 13.05 -13.59
C GLY A 338 -9.91 11.68 -13.01
N ILE A 339 -11.00 11.52 -12.26
CA ILE A 339 -11.29 10.26 -11.58
C ILE A 339 -11.78 9.23 -12.59
N LEU A 340 -11.35 7.98 -12.41
CA LEU A 340 -11.84 6.85 -13.18
C LEU A 340 -12.94 6.14 -12.41
N VAL A 341 -13.85 5.49 -13.16
CA VAL A 341 -14.98 4.78 -12.57
C VAL A 341 -15.06 3.40 -13.20
N ASP A 342 -15.22 2.37 -12.36
CA ASP A 342 -15.48 1.03 -12.85
C ASP A 342 -16.55 0.38 -11.99
N ARG A 343 -17.01 -0.78 -12.46
CA ARG A 343 -18.15 -1.45 -11.86
C ARG A 343 -18.01 -2.94 -12.06
N ASP A 344 -18.29 -3.70 -11.01
CA ASP A 344 -18.45 -5.15 -11.15
C ASP A 344 -19.93 -5.48 -11.10
N ASP A 345 -20.29 -6.65 -10.55
CA ASP A 345 -21.69 -7.03 -10.41
C ASP A 345 -22.24 -6.75 -9.02
N GLN A 346 -21.43 -6.21 -8.11
CA GLN A 346 -21.86 -5.94 -6.74
C GLN A 346 -21.72 -4.48 -6.34
N GLY A 347 -20.78 -3.75 -6.92
CA GLY A 347 -20.59 -2.35 -6.55
C GLY A 347 -19.87 -1.56 -7.62
N THR A 348 -19.60 -0.30 -7.28
CA THR A 348 -18.96 0.66 -8.16
C THR A 348 -17.66 1.16 -7.53
N LEU A 349 -16.63 1.36 -8.37
CA LEU A 349 -15.32 1.80 -7.91
C LEU A 349 -14.97 3.15 -8.52
N LEU A 350 -14.59 4.11 -7.67
CA LEU A 350 -13.98 5.36 -8.10
C LEU A 350 -12.49 5.29 -7.75
N GLN A 351 -11.62 5.61 -8.72
CA GLN A 351 -10.18 5.44 -8.54
C GLN A 351 -9.40 6.46 -9.35
N ILE A 352 -8.17 6.74 -8.91
CA ILE A 352 -7.24 7.55 -9.67
C ILE A 352 -5.83 7.19 -9.20
N PHE A 353 -4.85 7.42 -10.05
CA PHE A 353 -3.48 7.00 -9.80
C PHE A 353 -2.54 8.18 -9.78
N THR A 354 -1.63 8.21 -8.80
CA THR A 354 -0.59 9.20 -8.81
C THR A 354 0.51 8.81 -9.78
N LYS A 355 1.33 9.80 -10.14
CA LYS A 355 2.61 9.54 -10.73
C LYS A 355 3.50 8.88 -9.67
N PRO A 356 4.63 8.28 -10.07
CA PRO A 356 5.49 7.61 -9.09
C PRO A 356 5.87 8.53 -7.92
N LEU A 357 5.98 7.93 -6.72
CA LEU A 357 6.17 8.70 -5.49
C LEU A 357 7.58 9.25 -5.35
N GLY A 358 8.53 8.66 -6.04
CA GLY A 358 9.92 9.08 -5.91
C GLY A 358 10.65 9.17 -7.24
N ASP A 359 11.98 9.10 -7.21
CA ASP A 359 12.76 9.27 -8.44
C ASP A 359 12.46 8.18 -9.47
N ARG A 360 12.21 6.95 -9.01
CA ARG A 360 12.15 5.89 -10.00
C ARG A 360 10.72 5.60 -10.43
N PRO A 361 10.53 5.10 -11.68
CA PRO A 361 9.17 4.74 -12.14
C PRO A 361 8.74 3.42 -11.56
N THR A 362 8.53 3.40 -10.25
CA THR A 362 8.27 2.16 -9.54
C THR A 362 6.97 2.31 -8.75
N ILE A 363 7.06 2.68 -7.47
CA ILE A 363 5.87 2.71 -6.61
C ILE A 363 5.04 3.95 -6.91
N PHE A 364 3.72 3.78 -6.87
CA PHE A 364 2.76 4.89 -6.93
C PHE A 364 1.61 4.60 -5.98
N ILE A 365 0.70 5.57 -5.88
CA ILE A 365 -0.45 5.45 -4.99
C ILE A 365 -1.72 5.49 -5.83
N GLU A 366 -2.73 4.76 -5.37
CA GLU A 366 -4.08 4.83 -5.91
C GLU A 366 -4.99 5.38 -4.83
N ILE A 367 -5.86 6.33 -5.19
CA ILE A 367 -6.92 6.78 -4.29
C ILE A 367 -8.22 6.15 -4.77
N ILE A 368 -9.01 5.60 -3.85
CA ILE A 368 -10.23 4.90 -4.23
C ILE A 368 -11.37 5.23 -3.28
N GLN A 369 -12.58 5.04 -3.80
CA GLN A 369 -13.77 5.00 -2.97
C GLN A 369 -14.72 4.01 -3.61
N ARG A 370 -15.34 3.19 -2.78
CA ARG A 370 -16.19 2.09 -3.23
C ARG A 370 -17.65 2.37 -2.88
N VAL A 371 -18.55 2.02 -3.80
CA VAL A 371 -19.97 2.31 -3.63
C VAL A 371 -20.74 1.01 -3.73
N GLY A 372 -21.42 0.64 -2.64
CA GLY A 372 -22.28 -0.54 -2.64
C GLY A 372 -21.89 -1.60 -1.63
N CYS A 373 -22.40 -2.82 -1.83
CA CYS A 373 -22.05 -4.00 -1.04
C CYS A 373 -22.16 -3.74 0.47
N MET A 374 -23.28 -3.17 0.88
CA MET A 374 -23.54 -2.99 2.31
C MET A 374 -24.31 -4.18 2.87
N MET A 375 -23.92 -4.61 4.06
CA MET A 375 -24.60 -5.66 4.80
C MET A 375 -24.92 -5.14 6.19
N TYR A 383 -21.82 -2.21 7.50
CA TYR A 383 -20.46 -2.31 6.99
C TYR A 383 -20.45 -2.56 5.48
N GLN A 384 -19.30 -2.35 4.85
CA GLN A 384 -19.12 -2.60 3.43
C GLN A 384 -18.20 -3.80 3.24
N SER A 385 -18.58 -4.71 2.35
CA SER A 385 -17.75 -5.89 2.11
C SER A 385 -16.50 -5.51 1.34
N GLY A 386 -15.46 -6.31 1.51
CA GLY A 386 -14.18 -5.99 0.92
C GLY A 386 -14.17 -6.14 -0.59
N GLY A 387 -13.47 -5.22 -1.25
CA GLY A 387 -13.30 -5.32 -2.68
C GLY A 387 -14.51 -4.94 -3.49
N CYS A 388 -15.52 -4.33 -2.86
CA CYS A 388 -16.74 -3.91 -3.52
C CYS A 388 -16.47 -3.09 -4.78
N GLY A 389 -16.79 -3.64 -5.94
CA GLY A 389 -16.56 -2.97 -7.21
C GLY A 389 -15.34 -3.46 -7.95
N GLY A 390 -14.51 -4.28 -7.32
CA GLY A 390 -13.35 -4.83 -7.98
C GLY A 390 -12.15 -3.91 -7.87
N PHE A 391 -11.29 -3.91 -8.88
CA PHE A 391 -10.03 -3.18 -8.82
C PHE A 391 -9.80 -2.30 -10.05
N GLY A 392 -10.80 -2.20 -10.93
CA GLY A 392 -10.71 -1.29 -12.05
C GLY A 392 -10.06 -1.87 -13.28
N LYS A 393 -9.96 -3.19 -13.39
CA LYS A 393 -9.34 -3.81 -14.56
C LYS A 393 -10.09 -3.44 -15.84
N GLY A 394 -11.40 -3.20 -15.74
CA GLY A 394 -12.15 -2.75 -16.89
C GLY A 394 -11.71 -1.39 -17.40
N ASN A 395 -11.04 -0.61 -16.56
CA ASN A 395 -10.65 0.73 -16.97
C ASN A 395 -9.50 0.73 -17.96
N PHE A 396 -8.80 -0.39 -18.12
CA PHE A 396 -7.81 -0.49 -19.19
C PHE A 396 -8.47 -0.38 -20.56
N SER A 397 -9.51 -1.17 -20.79
CA SER A 397 -10.20 -1.15 -22.08
C SER A 397 -10.93 0.18 -22.29
N GLU A 398 -11.67 0.64 -21.27
CA GLU A 398 -12.40 1.89 -21.39
C GLU A 398 -11.47 3.06 -21.70
N LEU A 399 -10.27 3.04 -21.13
CA LEU A 399 -9.29 4.08 -21.42
C LEU A 399 -8.85 4.03 -22.89
N PHE A 400 -8.47 2.84 -23.35
CA PHE A 400 -8.05 2.69 -24.74
C PHE A 400 -9.17 3.07 -25.70
N LYS A 401 -10.39 2.55 -25.45
CA LYS A 401 -11.52 2.89 -26.31
C LYS A 401 -11.74 4.41 -26.34
N SER A 402 -11.75 5.04 -25.16
CA SER A 402 -11.94 6.48 -25.08
C SER A 402 -10.86 7.23 -25.85
N ILE A 403 -9.61 6.80 -25.68
CA ILE A 403 -8.49 7.46 -26.34
C ILE A 403 -8.66 7.42 -27.85
N GLU A 404 -8.94 6.24 -28.40
CA GLU A 404 -9.11 6.11 -29.84
C GLU A 404 -10.29 6.95 -30.33
N GLU A 405 -11.44 6.85 -29.65
CA GLU A 405 -12.63 7.57 -30.10
C GLU A 405 -12.58 9.05 -29.75
N TYR A 406 -11.66 9.48 -28.90
CA TYR A 406 -11.46 10.92 -28.75
C TYR A 406 -10.66 11.49 -29.92
N GLU A 407 -9.66 10.75 -30.39
CA GLU A 407 -8.95 11.16 -31.59
C GLU A 407 -9.91 11.28 -32.77
N LYS A 408 -10.88 10.37 -32.87
CA LYS A 408 -11.87 10.45 -33.93
C LYS A 408 -12.68 11.73 -33.84
N THR A 409 -13.09 12.12 -32.64
CA THR A 409 -13.86 13.34 -32.45
C THR A 409 -12.96 14.59 -32.45
CO CO B . -5.45 -1.07 -7.36
C10 9WC C . -5.25 -0.95 -11.65
C13 9WC C . -5.24 0.77 -13.80
C15 9WC C . -4.10 -0.26 -11.98
C22 9WC C . -6.44 1.79 -15.63
C24 9WC C . -1.74 2.81 -14.79
C26 9WC C . -0.07 4.41 -14.07
C28 9WC C . 0.03 3.46 -16.27
C1 9WC C . -5.22 -5.38 -8.90
C2 9WC C . -5.66 -6.16 -10.14
C3 9WC C . -4.87 -5.68 -11.35
C4 9WC C . -5.11 -4.19 -11.54
C5 9WC C . -5.23 -3.32 -10.29
C6 9WC C . -5.35 -3.87 -9.09
C9 9WC C . -5.24 -1.81 -10.38
C11 9WC C . -6.41 -0.76 -12.36
C12 9WC C . -6.41 0.09 -13.45
C14 9WC C . -4.10 0.60 -13.07
C16 9WC C . -2.96 1.26 -13.40
C19 9WC C . -4.10 2.25 -15.17
C25 9WC C . -1.23 3.67 -13.82
C27 9WC C . 0.55 4.30 -15.29
C29 9WC C . -1.12 2.73 -16.02
N17 9WC C . -5.23 1.59 -14.84
N18 9WC C . -2.96 2.08 -14.45
O7 9WC C . -5.32 -3.07 -7.94
O8 9WC C . -5.22 -3.73 -12.63
O20 9WC C . -1.97 1.07 -12.75
O21 9WC C . -4.10 2.99 -16.12
O23 9WC C . -5.27 -1.17 -9.39
#